data_5YVB
#
_entry.id   5YVB
#
_cell.length_a   66.777
_cell.length_b   77.547
_cell.length_c   84.478
_cell.angle_alpha   90.00
_cell.angle_beta   90.00
_cell.angle_gamma   90.00
#
_symmetry.space_group_name_H-M   'P 21 21 21'
#
loop_
_entity.id
_entity.type
_entity.pdbx_description
1 polymer 'Calcium/calmodulin-dependent protein kinase kinase 2'
2 non-polymer (3Z)-5-chloro-3-[(1-methyl-1H-pyrazol-4-yl)methylidene]-1,3-dihydro-2H-indol-2-one
3 non-polymer GLYCEROL
4 non-polymer 'TRIETHYLENE GLYCOL'
5 non-polymer 'CHLORIDE ION'
6 water water
#
_entity_poly.entity_id   1
_entity_poly.type   'polypeptide(L)'
_entity_poly.pdbx_seq_one_letter_code
;GSSGSSGDCVQLNQYTLKDEIGKGSYGVVKLAYNENDNTYYAMKVLSKKKLIRQAGFPRRPPPRGTRPAPGGCIQPRGPI
EQVYQEIAILKKLDHPNVVKLVEVLDDPNEDHLYMVFELVNQGPVMEVPTLKPLSEDQARFYFQDLIKGIEYLHYQKIIH
RDIKPSNLLVGEDGHIKIADFGVSNEFKGSDALLSNTVGTPAFMAPESLSETRKIFSGKALDVWAMGVTLYCFVFGQCPF
MDERIM(CAS)LHSKIKSQALEFPDQPDIAEDLKDLITRMLDKNPESRIVVPEIKLHPWVTR
;
_entity_poly.pdbx_strand_id   A
#
loop_
_chem_comp.id
_chem_comp.type
_chem_comp.name
_chem_comp.formula
92C non-polymer (3Z)-5-chloro-3-[(1-methyl-1H-pyrazol-4-yl)methylidene]-1,3-dihydro-2H-indol-2-one 'C13 H10 Cl N3 O'
CL non-polymer 'CHLORIDE ION' 'Cl -1'
GOL non-polymer GLYCEROL 'C3 H8 O3'
PGE non-polymer 'TRIETHYLENE GLYCOL' 'C6 H14 O4'
#
# COMPACT_ATOMS: atom_id res chain seq x y z
N VAL A 10 -9.97 23.00 18.22
CA VAL A 10 -10.55 22.42 17.02
C VAL A 10 -11.29 21.13 17.34
N GLN A 11 -12.62 21.21 17.43
CA GLN A 11 -13.44 20.06 17.77
C GLN A 11 -14.51 19.83 16.71
N LEU A 12 -14.74 18.57 16.36
CA LEU A 12 -15.71 18.15 15.35
C LEU A 12 -16.57 17.06 15.97
N ASN A 13 -17.75 17.43 16.48
CA ASN A 13 -18.63 16.53 17.21
C ASN A 13 -17.87 16.07 18.44
N GLN A 14 -17.69 14.76 18.67
CA GLN A 14 -16.98 14.29 19.86
C GLN A 14 -15.46 14.31 19.72
N TYR A 15 -14.95 14.55 18.51
CA TYR A 15 -13.52 14.45 18.26
C TYR A 15 -12.84 15.79 18.42
N THR A 16 -11.69 15.78 19.08
CA THR A 16 -10.77 16.90 19.09
C THR A 16 -9.61 16.58 18.16
N LEU A 17 -9.37 17.46 17.18
CA LEU A 17 -8.31 17.25 16.21
C LEU A 17 -6.97 17.65 16.81
N LYS A 18 -5.98 16.77 16.73
CA LYS A 18 -4.64 17.08 17.21
C LYS A 18 -3.70 17.15 15.99
N ASP A 19 -2.43 16.83 16.19
CA ASP A 19 -1.43 17.14 15.17
C ASP A 19 -1.43 16.10 14.06
N GLU A 20 -0.85 16.48 12.92
CA GLU A 20 -0.77 15.59 11.78
C GLU A 20 0.17 14.44 12.07
N ILE A 21 -0.18 13.26 11.59
CA ILE A 21 0.64 12.06 11.77
C ILE A 21 1.01 11.39 10.46
N GLY A 22 0.37 11.70 9.35
CA GLY A 22 0.72 11.01 8.12
C GLY A 22 0.14 11.70 6.90
N LYS A 23 0.52 11.16 5.74
CA LYS A 23 -0.04 11.54 4.45
C LYS A 23 -1.07 10.51 4.02
N GLY A 24 -2.25 10.97 3.65
CA GLY A 24 -3.23 10.13 3.00
C GLY A 24 -3.32 10.48 1.52
N SER A 25 -3.97 9.60 0.78
CA SER A 25 -4.27 9.92 -0.62
C SER A 25 -5.25 11.09 -0.63
N TYR A 26 -4.80 12.21 -1.20
CA TYR A 26 -5.56 13.45 -1.39
C TYR A 26 -5.48 14.39 -0.20
N GLY A 27 -5.46 13.86 1.03
CA GLY A 27 -5.49 14.72 2.21
C GLY A 27 -4.41 14.49 3.25
N VAL A 28 -4.68 14.89 4.49
CA VAL A 28 -3.77 14.69 5.61
C VAL A 28 -4.45 13.81 6.64
N VAL A 29 -3.63 13.15 7.45
CA VAL A 29 -4.10 12.28 8.53
C VAL A 29 -3.67 12.90 9.85
N LYS A 30 -4.64 13.17 10.71
CA LYS A 30 -4.35 13.79 12.00
C LYS A 30 -4.72 12.84 13.14
N LEU A 31 -3.95 12.91 14.21
CA LEU A 31 -4.34 12.26 15.45
C LEU A 31 -5.59 12.93 15.99
N ALA A 32 -6.49 12.15 16.57
CA ALA A 32 -7.76 12.68 17.03
C ALA A 32 -8.15 11.99 18.33
N TYR A 33 -8.75 12.76 19.23
CA TYR A 33 -9.16 12.26 20.54
C TYR A 33 -10.68 12.25 20.63
N ASN A 34 -11.25 11.09 20.89
CA ASN A 34 -12.70 10.95 21.01
C ASN A 34 -13.08 11.12 22.48
N GLU A 35 -13.83 12.19 22.77
CA GLU A 35 -14.20 12.50 24.15
C GLU A 35 -15.29 11.60 24.71
N ASN A 36 -16.00 10.85 23.86
CA ASN A 36 -17.02 9.94 24.37
C ASN A 36 -16.40 8.69 24.98
N ASP A 37 -15.42 8.09 24.30
CA ASP A 37 -14.82 6.84 24.75
C ASP A 37 -13.37 6.98 25.17
N ASN A 38 -12.84 8.20 25.23
CA ASN A 38 -11.53 8.46 25.83
C ASN A 38 -10.40 7.78 25.04
N THR A 39 -10.53 7.74 23.72
CA THR A 39 -9.68 6.91 22.87
C THR A 39 -9.16 7.74 21.69
N TYR A 40 -7.91 7.46 21.31
CA TYR A 40 -7.31 8.12 20.15
C TYR A 40 -7.69 7.40 18.87
N TYR A 41 -7.89 8.18 17.80
CA TYR A 41 -8.19 7.66 16.48
C TYR A 41 -7.32 8.38 15.46
N ALA A 42 -7.34 7.89 14.23
CA ALA A 42 -6.69 8.54 13.11
C ALA A 42 -7.76 9.13 12.21
N MET A 43 -7.67 10.42 11.93
CA MET A 43 -8.69 11.11 11.17
C MET A 43 -8.08 11.64 9.88
N LYS A 44 -8.60 11.17 8.74
CA LYS A 44 -8.21 11.67 7.43
C LYS A 44 -9.13 12.84 7.09
N VAL A 45 -8.54 13.99 6.78
CA VAL A 45 -9.30 15.21 6.51
C VAL A 45 -9.21 15.51 5.01
N LEU A 46 -10.36 15.67 4.37
CA LEU A 46 -10.44 15.90 2.94
C LEU A 46 -11.20 17.18 2.64
N SER A 47 -10.68 17.98 1.71
CA SER A 47 -11.32 19.19 1.21
C SER A 47 -11.69 19.00 -0.26
N LYS A 48 -12.96 19.25 -0.57
CA LYS A 48 -13.49 18.91 -1.89
C LYS A 48 -12.87 19.79 -2.97
N LYS A 49 -12.03 19.19 -3.82
CA LYS A 49 -11.37 19.89 -4.92
C LYS A 49 -11.66 19.22 -6.26
N PRO A 79 -13.75 12.45 -8.92
CA PRO A 79 -12.94 13.08 -7.86
C PRO A 79 -13.46 12.74 -6.46
N ILE A 80 -14.61 13.31 -6.10
CA ILE A 80 -15.29 12.91 -4.87
C ILE A 80 -15.86 11.51 -5.01
N GLU A 81 -16.16 11.09 -6.25
CA GLU A 81 -16.62 9.73 -6.48
C GLU A 81 -15.57 8.72 -6.05
N GLN A 82 -14.29 9.03 -6.28
CA GLN A 82 -13.22 8.14 -5.83
C GLN A 82 -13.23 7.95 -4.33
N VAL A 83 -13.62 8.99 -3.57
CA VAL A 83 -13.57 8.91 -2.11
C VAL A 83 -14.71 8.08 -1.57
N TYR A 84 -15.91 8.23 -2.14
CA TYR A 84 -17.02 7.42 -1.66
C TYR A 84 -16.87 5.95 -2.05
N GLN A 85 -16.25 5.67 -3.20
CA GLN A 85 -15.85 4.29 -3.49
C GLN A 85 -14.89 3.77 -2.44
N GLU A 86 -13.96 4.62 -1.98
CA GLU A 86 -13.05 4.22 -0.92
C GLU A 86 -13.79 3.94 0.39
N ILE A 87 -14.70 4.85 0.77
CA ILE A 87 -15.56 4.60 1.91
C ILE A 87 -16.34 3.31 1.72
N ALA A 88 -16.95 3.14 0.54
CA ALA A 88 -17.72 1.92 0.26
C ALA A 88 -16.85 0.67 0.34
N ILE A 89 -15.60 0.75 -0.14
CA ILE A 89 -14.72 -0.40 -0.04
C ILE A 89 -14.39 -0.68 1.42
N LEU A 90 -14.01 0.36 2.17
CA LEU A 90 -13.58 0.20 3.55
C LEU A 90 -14.67 -0.41 4.41
N LYS A 91 -15.94 -0.03 4.16
CA LYS A 91 -17.06 -0.55 4.92
C LYS A 91 -17.20 -2.07 4.80
N LYS A 92 -16.72 -2.66 3.69
CA LYS A 92 -16.90 -4.07 3.46
C LYS A 92 -15.79 -4.93 4.05
N LEU A 93 -14.74 -4.33 4.58
CA LEU A 93 -13.52 -5.05 4.92
C LEU A 93 -13.41 -5.27 6.41
N ASP A 94 -12.93 -6.46 6.78
CA ASP A 94 -12.74 -6.80 8.19
C ASP A 94 -11.67 -7.89 8.26
N HIS A 95 -10.43 -7.47 8.51
CA HIS A 95 -9.30 -8.39 8.54
C HIS A 95 -8.20 -7.83 9.44
N PRO A 96 -7.48 -8.69 10.16
CA PRO A 96 -6.46 -8.17 11.09
C PRO A 96 -5.32 -7.41 10.41
N ASN A 97 -5.04 -7.66 9.15
CA ASN A 97 -3.96 -6.94 8.49
C ASN A 97 -4.46 -5.80 7.60
N VAL A 98 -5.65 -5.27 7.87
CA VAL A 98 -6.23 -4.17 7.09
C VAL A 98 -6.80 -3.15 8.07
N VAL A 99 -6.46 -1.87 7.87
CA VAL A 99 -6.95 -0.83 8.79
C VAL A 99 -8.46 -0.75 8.71
N LYS A 100 -9.09 -0.37 9.84
CA LYS A 100 -10.54 -0.32 9.96
C LYS A 100 -11.02 1.12 9.91
N LEU A 101 -12.03 1.36 9.07
CA LEU A 101 -12.73 2.63 9.08
C LEU A 101 -13.79 2.59 10.16
N VAL A 102 -13.82 3.61 11.00
CA VAL A 102 -14.70 3.62 12.16
C VAL A 102 -16.00 4.36 11.88
N GLU A 103 -15.91 5.51 11.20
CA GLU A 103 -17.09 6.27 10.83
C GLU A 103 -16.65 7.41 9.91
N VAL A 104 -17.64 8.05 9.28
CA VAL A 104 -17.43 9.12 8.32
C VAL A 104 -18.26 10.32 8.76
N LEU A 105 -17.64 11.49 8.80
CA LEU A 105 -18.31 12.73 9.18
C LEU A 105 -18.48 13.57 7.92
N ASP A 106 -19.69 13.53 7.35
CA ASP A 106 -19.97 14.18 6.08
C ASP A 106 -21.04 15.23 6.29
N ASP A 107 -20.67 16.49 6.11
CA ASP A 107 -21.59 17.61 6.20
C ASP A 107 -21.84 18.15 4.80
N PRO A 108 -23.06 18.07 4.27
CA PRO A 108 -23.35 18.72 2.99
C PRO A 108 -23.13 20.22 3.01
N ASN A 109 -22.95 20.81 4.19
CA ASN A 109 -22.70 22.25 4.34
C ASN A 109 -21.21 22.58 4.33
N GLU A 110 -20.41 21.88 5.14
CA GLU A 110 -18.99 22.19 5.26
C GLU A 110 -18.21 21.54 4.11
N ASP A 111 -17.17 22.24 3.66
CA ASP A 111 -16.33 21.75 2.58
C ASP A 111 -15.55 20.50 2.98
N HIS A 112 -15.26 20.35 4.27
CA HIS A 112 -14.43 19.26 4.73
C HIS A 112 -15.25 18.00 4.96
N LEU A 113 -14.61 16.86 4.70
CA LEU A 113 -15.15 15.53 4.94
C LEU A 113 -14.15 14.76 5.77
N TYR A 114 -14.62 14.03 6.79
CA TYR A 114 -13.75 13.40 7.78
C TYR A 114 -13.98 11.90 7.80
N MET A 115 -12.92 11.13 7.60
CA MET A 115 -12.92 9.68 7.72
C MET A 115 -12.16 9.32 8.99
N VAL A 116 -12.85 8.68 9.94
CA VAL A 116 -12.26 8.31 11.21
C VAL A 116 -11.84 6.84 11.12
N PHE A 117 -10.55 6.59 11.32
CA PHE A 117 -9.95 5.28 11.29
C PHE A 117 -9.46 4.90 12.67
N GLU A 118 -9.31 3.60 12.88
CA GLU A 118 -8.54 3.15 14.03
C GLU A 118 -7.10 3.64 13.90
N LEU A 119 -6.54 4.06 15.02
CA LEU A 119 -5.14 4.45 15.07
C LEU A 119 -4.28 3.20 15.04
N VAL A 120 -3.25 3.20 14.21
CA VAL A 120 -2.25 2.15 14.18
C VAL A 120 -0.99 2.78 14.78
N ASN A 121 -0.76 2.55 16.08
CA ASN A 121 -0.02 3.53 16.89
C ASN A 121 1.46 3.65 16.54
N GLN A 122 2.08 2.58 16.05
CA GLN A 122 3.52 2.66 15.80
C GLN A 122 3.88 3.20 14.41
N GLY A 123 2.91 3.43 13.53
CA GLY A 123 3.21 4.10 12.29
C GLY A 123 3.84 3.20 11.25
N PRO A 124 4.36 3.81 10.18
CA PRO A 124 4.84 3.01 9.06
C PRO A 124 5.99 2.11 9.47
N VAL A 125 6.07 0.97 8.79
CA VAL A 125 7.05 -0.05 9.14
C VAL A 125 8.46 0.45 8.90
N MET A 126 8.65 1.31 7.90
CA MET A 126 9.92 1.96 7.65
C MET A 126 9.66 3.16 6.76
N GLU A 127 10.68 4.02 6.69
CA GLU A 127 10.72 5.14 5.78
C GLU A 127 11.73 4.85 4.68
N VAL A 128 11.37 5.21 3.45
CA VAL A 128 12.21 4.98 2.27
C VAL A 128 12.52 6.34 1.69
N PRO A 129 13.79 6.68 1.41
CA PRO A 129 14.96 5.83 1.65
C PRO A 129 15.44 5.86 3.09
N THR A 130 16.18 4.83 3.48
CA THR A 130 16.83 4.78 4.78
C THR A 130 18.17 4.08 4.63
N LEU A 131 19.09 4.44 5.52
CA LEU A 131 20.36 3.75 5.61
C LEU A 131 20.31 2.57 6.58
N LYS A 132 19.18 2.38 7.27
CA LYS A 132 19.02 1.30 8.24
C LYS A 132 17.81 0.47 7.81
N PRO A 133 18.00 -0.42 6.86
CA PRO A 133 16.89 -1.27 6.39
C PRO A 133 16.60 -2.37 7.40
N LEU A 134 15.51 -3.10 7.17
CA LEU A 134 15.18 -4.23 8.01
C LEU A 134 16.15 -5.38 7.77
N SER A 135 16.38 -6.18 8.81
CA SER A 135 16.99 -7.49 8.61
C SER A 135 16.06 -8.39 7.81
N GLU A 136 16.61 -9.49 7.30
CA GLU A 136 15.80 -10.47 6.58
C GLU A 136 14.71 -11.06 7.47
N ASP A 137 15.06 -11.39 8.72
CA ASP A 137 14.07 -11.97 9.61
C ASP A 137 12.92 -11.00 9.87
N GLN A 138 13.25 -9.71 10.05
CA GLN A 138 12.18 -8.71 10.19
C GLN A 138 11.40 -8.55 8.90
N ALA A 139 12.09 -8.51 7.76
CA ALA A 139 11.37 -8.34 6.50
C ALA A 139 10.41 -9.50 6.29
N ARG A 140 10.83 -10.73 6.62
CA ARG A 140 9.95 -11.88 6.44
C ARG A 140 8.74 -11.79 7.36
N PHE A 141 8.95 -11.43 8.63
CA PHE A 141 7.84 -11.22 9.55
C PHE A 141 6.80 -10.26 9.00
N TYR A 142 7.24 -9.09 8.51
CA TYR A 142 6.29 -8.12 8.00
C TYR A 142 5.70 -8.56 6.67
N PHE A 143 6.52 -9.17 5.83
CA PHE A 143 6.03 -9.60 4.52
C PHE A 143 4.94 -10.66 4.67
N GLN A 144 5.02 -11.48 5.71
CA GLN A 144 3.98 -12.48 5.93
C GLN A 144 2.64 -11.82 6.21
N ASP A 145 2.62 -10.75 7.00
CA ASP A 145 1.39 -9.99 7.21
C ASP A 145 0.91 -9.38 5.89
N LEU A 146 1.84 -8.82 5.10
CA LEU A 146 1.46 -8.25 3.82
C LEU A 146 0.82 -9.30 2.92
N ILE A 147 1.39 -10.50 2.87
CA ILE A 147 0.78 -11.59 2.09
C ILE A 147 -0.65 -11.84 2.54
N LYS A 148 -0.87 -12.03 3.85
CA LYS A 148 -2.22 -12.32 4.33
C LYS A 148 -3.19 -11.20 4.00
N GLY A 149 -2.77 -9.95 4.18
CA GLY A 149 -3.65 -8.84 3.86
C GLY A 149 -4.00 -8.79 2.39
N ILE A 150 -3.01 -8.97 1.51
CA ILE A 150 -3.28 -8.89 0.07
C ILE A 150 -4.15 -10.05 -0.38
N GLU A 151 -3.87 -11.26 0.10
CA GLU A 151 -4.71 -12.40 -0.20
C GLU A 151 -6.16 -12.11 0.16
N TYR A 152 -6.38 -11.52 1.34
CA TYR A 152 -7.74 -11.18 1.76
C TYR A 152 -8.35 -10.13 0.83
N LEU A 153 -7.60 -9.06 0.53
CA LEU A 153 -8.14 -8.02 -0.34
C LEU A 153 -8.54 -8.59 -1.69
N HIS A 154 -7.66 -9.42 -2.27
CA HIS A 154 -7.95 -9.97 -3.59
C HIS A 154 -9.13 -10.91 -3.55
N TYR A 155 -9.27 -11.69 -2.47
CA TYR A 155 -10.43 -12.53 -2.32
C TYR A 155 -11.69 -11.69 -2.23
N GLN A 156 -11.63 -10.56 -1.52
CA GLN A 156 -12.74 -9.61 -1.46
C GLN A 156 -12.88 -8.80 -2.74
N LYS A 157 -12.08 -9.11 -3.76
CA LYS A 157 -12.16 -8.48 -5.09
C LYS A 157 -11.77 -7.01 -5.04
N ILE A 158 -10.71 -6.70 -4.31
CA ILE A 158 -10.16 -5.35 -4.19
C ILE A 158 -8.72 -5.39 -4.67
N ILE A 159 -8.37 -4.50 -5.59
CA ILE A 159 -6.98 -4.24 -5.93
C ILE A 159 -6.54 -3.00 -5.14
N HIS A 160 -5.47 -3.11 -4.36
CA HIS A 160 -5.11 -2.00 -3.47
C HIS A 160 -4.55 -0.82 -4.27
N ARG A 161 -3.60 -1.10 -5.17
CA ARG A 161 -2.95 -0.17 -6.09
C ARG A 161 -2.00 0.84 -5.44
N ASP A 162 -1.78 0.81 -4.13
CA ASP A 162 -0.78 1.73 -3.60
C ASP A 162 -0.01 1.07 -2.45
N ILE A 163 0.39 -0.19 -2.65
CA ILE A 163 1.20 -0.90 -1.67
C ILE A 163 2.60 -0.31 -1.65
N LYS A 164 3.05 0.09 -0.47
CA LYS A 164 4.39 0.65 -0.26
C LYS A 164 4.62 0.75 1.26
N PRO A 165 5.88 0.80 1.70
CA PRO A 165 6.13 0.77 3.16
C PRO A 165 5.39 1.84 3.95
N SER A 166 5.26 3.07 3.41
CA SER A 166 4.56 4.10 4.16
C SER A 166 3.08 3.79 4.35
N ASN A 167 2.51 2.83 3.61
CA ASN A 167 1.13 2.41 3.79
C ASN A 167 1.00 1.12 4.59
N LEU A 168 2.09 0.63 5.16
CA LEU A 168 2.08 -0.59 5.98
C LEU A 168 2.36 -0.15 7.42
N LEU A 169 1.29 -0.04 8.20
CA LEU A 169 1.34 0.55 9.53
C LEU A 169 1.46 -0.54 10.59
N VAL A 170 2.25 -0.29 11.63
CA VAL A 170 2.53 -1.28 12.66
C VAL A 170 1.65 -0.98 13.88
N GLY A 171 0.86 -1.96 14.28
CA GLY A 171 -0.09 -1.79 15.35
C GLY A 171 0.48 -2.12 16.70
N GLU A 172 -0.42 -2.13 17.69
CA GLU A 172 -0.02 -2.32 19.08
C GLU A 172 0.71 -3.65 19.28
N ASP A 173 0.30 -4.71 18.59
CA ASP A 173 0.90 -6.02 18.75
C ASP A 173 2.11 -6.24 17.83
N GLY A 174 2.54 -5.23 17.10
CA GLY A 174 3.69 -5.35 16.22
C GLY A 174 3.40 -5.86 14.81
N HIS A 175 2.15 -6.14 14.47
CA HIS A 175 1.80 -6.64 13.15
C HIS A 175 1.31 -5.52 12.23
N ILE A 176 1.43 -5.78 10.92
CA ILE A 176 1.16 -4.80 9.87
C ILE A 176 -0.35 -4.65 9.65
N LYS A 177 -0.80 -3.42 9.45
CA LYS A 177 -2.12 -3.15 8.90
C LYS A 177 -1.98 -2.31 7.62
N ILE A 178 -2.59 -2.79 6.55
CA ILE A 178 -2.54 -2.11 5.24
C ILE A 178 -3.47 -0.90 5.26
N ALA A 179 -2.96 0.25 4.83
CA ALA A 179 -3.75 1.47 4.85
C ALA A 179 -3.80 2.12 3.47
N ASP A 180 -4.68 3.12 3.37
CA ASP A 180 -4.81 4.01 2.22
C ASP A 180 -5.39 3.31 0.99
N PHE A 181 -6.71 3.26 0.92
CA PHE A 181 -7.45 2.70 -0.21
C PHE A 181 -7.94 3.79 -1.15
N GLY A 182 -7.21 4.89 -1.25
CA GLY A 182 -7.67 6.03 -2.02
C GLY A 182 -7.70 5.83 -3.51
N VAL A 183 -6.90 4.89 -4.03
CA VAL A 183 -6.94 4.63 -5.47
C VAL A 183 -7.25 3.18 -5.76
N SER A 184 -7.73 2.43 -4.77
CA SER A 184 -8.06 1.03 -4.93
C SER A 184 -9.25 0.84 -5.89
N ASN A 185 -9.32 -0.35 -6.49
CA ASN A 185 -10.36 -0.73 -7.43
C ASN A 185 -11.09 -1.97 -6.95
N GLU A 186 -12.42 -1.97 -7.13
CA GLU A 186 -13.22 -3.16 -6.95
C GLU A 186 -13.51 -3.77 -8.31
N PHE A 187 -13.46 -5.11 -8.40
CA PHE A 187 -13.76 -5.78 -9.65
C PHE A 187 -14.79 -6.88 -9.46
N LYS A 188 -15.36 -7.32 -10.56
CA LYS A 188 -16.19 -8.51 -10.61
C LYS A 188 -15.42 -9.63 -11.30
N GLY A 189 -15.75 -10.87 -10.95
CA GLY A 189 -15.10 -11.99 -11.59
C GLY A 189 -13.73 -12.30 -11.01
N SER A 190 -12.86 -12.84 -11.87
CA SER A 190 -11.57 -13.39 -11.45
C SER A 190 -10.48 -12.33 -11.23
N ASP A 191 -10.56 -11.17 -11.87
CA ASP A 191 -9.50 -10.17 -11.79
C ASP A 191 -10.02 -8.84 -12.33
N ALA A 192 -9.34 -7.77 -11.98
CA ALA A 192 -9.63 -6.47 -12.56
C ALA A 192 -8.95 -6.32 -13.91
N LEU A 193 -9.61 -5.64 -14.83
CA LEU A 193 -9.09 -5.31 -16.14
C LEU A 193 -9.07 -3.78 -16.23
N LEU A 194 -7.89 -3.20 -16.07
CA LEU A 194 -7.75 -1.78 -15.79
C LEU A 194 -7.01 -1.08 -16.92
N SER A 195 -7.13 0.24 -16.95
CA SER A 195 -6.42 1.06 -17.93
C SER A 195 -5.88 2.36 -17.38
N ASN A 196 -6.20 2.74 -16.15
CA ASN A 196 -5.78 4.03 -15.61
C ASN A 196 -4.50 3.86 -14.81
N THR A 197 -3.67 4.89 -14.83
CA THR A 197 -2.36 4.87 -14.16
C THR A 197 -2.48 5.72 -12.89
N VAL A 198 -2.46 5.05 -11.73
CA VAL A 198 -2.56 5.68 -10.43
C VAL A 198 -1.56 5.01 -9.49
N GLY A 199 -1.36 5.63 -8.32
CA GLY A 199 -0.48 5.07 -7.31
C GLY A 199 0.76 5.91 -7.06
N THR A 200 1.81 5.30 -6.51
CA THR A 200 3.06 6.01 -6.28
C THR A 200 4.06 5.62 -7.38
N PRO A 201 4.62 6.58 -8.13
CA PRO A 201 5.38 6.23 -9.35
C PRO A 201 6.45 5.16 -9.17
N ALA A 202 7.26 5.23 -8.11
CA ALA A 202 8.32 4.24 -7.94
C ALA A 202 7.78 2.82 -7.76
N PHE A 203 6.50 2.67 -7.42
CA PHE A 203 5.92 1.35 -7.18
C PHE A 203 4.99 0.90 -8.30
N MET A 204 4.84 1.68 -9.37
CA MET A 204 3.93 1.30 -10.46
C MET A 204 4.53 0.22 -11.35
N ALA A 205 3.71 -0.76 -11.71
CA ALA A 205 4.18 -1.87 -12.51
C ALA A 205 4.38 -1.44 -13.96
N PRO A 206 5.34 -2.03 -14.67
CA PRO A 206 5.64 -1.57 -16.02
C PRO A 206 4.45 -1.62 -16.96
N GLU A 207 3.56 -2.61 -16.82
CA GLU A 207 2.43 -2.72 -17.73
C GLU A 207 1.40 -1.62 -17.52
N SER A 208 1.47 -0.88 -16.42
CA SER A 208 0.58 0.24 -16.21
C SER A 208 1.12 1.55 -16.79
N LEU A 209 2.30 1.50 -17.41
CA LEU A 209 2.96 2.70 -17.91
C LEU A 209 3.03 2.72 -19.43
N SER A 210 2.17 1.95 -20.10
CA SER A 210 2.09 2.09 -21.54
C SER A 210 1.48 3.44 -21.87
N GLU A 211 1.90 4.01 -22.98
CA GLU A 211 1.36 5.31 -23.36
C GLU A 211 0.14 5.18 -24.28
N THR A 212 -0.46 3.98 -24.36
CA THR A 212 -1.49 3.70 -25.36
C THR A 212 -2.77 3.17 -24.74
N ARG A 213 -3.04 3.48 -23.46
CA ARG A 213 -4.29 3.11 -22.81
C ARG A 213 -4.57 1.60 -22.89
N LYS A 214 -3.52 0.79 -22.96
CA LYS A 214 -3.69 -0.65 -23.00
C LYS A 214 -4.36 -1.15 -21.72
N ILE A 215 -5.04 -2.27 -21.84
CA ILE A 215 -5.66 -2.93 -20.69
C ILE A 215 -4.64 -3.83 -20.00
N PHE A 216 -4.60 -3.78 -18.67
CA PHE A 216 -3.75 -4.66 -17.89
C PHE A 216 -4.56 -5.19 -16.72
N SER A 217 -4.08 -6.27 -16.13
CA SER A 217 -4.84 -6.93 -15.08
C SER A 217 -4.38 -6.46 -13.70
N GLY A 218 -5.27 -6.56 -12.73
CA GLY A 218 -5.05 -5.85 -11.47
C GLY A 218 -4.21 -6.57 -10.44
N LYS A 219 -4.45 -7.86 -10.23
CA LYS A 219 -3.76 -8.56 -9.14
C LYS A 219 -2.25 -8.51 -9.32
N ALA A 220 -1.77 -8.70 -10.55
CA ALA A 220 -0.34 -8.63 -10.80
C ALA A 220 0.24 -7.26 -10.47
N LEU A 221 -0.56 -6.20 -10.54
CA LEU A 221 -0.07 -4.87 -10.13
C LEU A 221 0.27 -4.85 -8.66
N ASP A 222 -0.59 -5.42 -7.82
CA ASP A 222 -0.29 -5.46 -6.39
C ASP A 222 0.94 -6.32 -6.14
N VAL A 223 1.11 -7.44 -6.88
CA VAL A 223 2.30 -8.27 -6.68
C VAL A 223 3.56 -7.45 -6.99
N TRP A 224 3.55 -6.72 -8.11
CA TRP A 224 4.72 -5.91 -8.43
C TRP A 224 5.04 -4.95 -7.29
N ALA A 225 4.02 -4.25 -6.76
CA ALA A 225 4.28 -3.29 -5.70
C ALA A 225 4.73 -3.98 -4.42
N MET A 226 4.23 -5.20 -4.17
CA MET A 226 4.75 -6.00 -3.06
C MET A 226 6.22 -6.31 -3.26
N GLY A 227 6.65 -6.56 -4.51
CA GLY A 227 8.05 -6.81 -4.78
C GLY A 227 8.93 -5.59 -4.58
N VAL A 228 8.49 -4.43 -5.05
CA VAL A 228 9.24 -3.19 -4.78
C VAL A 228 9.35 -2.96 -3.28
N THR A 229 8.26 -3.25 -2.57
CA THR A 229 8.20 -3.07 -1.13
C THR A 229 9.19 -3.98 -0.42
N LEU A 230 9.24 -5.26 -0.83
CA LEU A 230 10.16 -6.20 -0.19
C LEU A 230 11.61 -5.82 -0.47
N TYR A 231 11.90 -5.40 -1.70
CA TYR A 231 13.20 -4.84 -2.01
C TYR A 231 13.52 -3.68 -1.07
N CYS A 232 12.57 -2.75 -0.90
CA CYS A 232 12.76 -1.64 0.04
C CYS A 232 13.05 -2.14 1.46
N PHE A 233 12.33 -3.18 1.90
CA PHE A 233 12.50 -3.68 3.27
C PHE A 233 13.95 -3.95 3.58
N VAL A 234 14.65 -4.62 2.66
CA VAL A 234 15.99 -5.11 2.93
C VAL A 234 17.10 -4.23 2.36
N PHE A 235 16.80 -3.35 1.39
CA PHE A 235 17.86 -2.47 0.89
C PHE A 235 17.70 -1.03 1.31
N GLY A 236 16.52 -0.61 1.76
CA GLY A 236 16.33 0.74 2.22
C GLY A 236 16.12 1.76 1.13
N GLN A 237 15.99 1.32 -0.11
CA GLN A 237 15.70 2.20 -1.23
C GLN A 237 14.98 1.40 -2.31
N CYS A 238 14.31 2.12 -3.20
CA CYS A 238 13.58 1.49 -4.30
C CYS A 238 14.54 0.91 -5.34
N PRO A 239 14.10 -0.13 -6.06
CA PRO A 239 14.99 -0.75 -7.05
C PRO A 239 15.15 0.07 -8.32
N PHE A 240 14.17 0.90 -8.67
CA PHE A 240 14.24 1.78 -9.83
C PHE A 240 14.05 3.21 -9.36
N MET A 241 15.06 4.05 -9.58
CA MET A 241 15.07 5.39 -9.02
C MET A 241 15.51 6.38 -10.10
N ASP A 242 14.80 7.49 -10.21
CA ASP A 242 15.27 8.62 -11.00
C ASP A 242 14.39 9.82 -10.68
N GLU A 243 15.01 10.99 -10.49
CA GLU A 243 14.25 12.20 -10.24
C GLU A 243 13.50 12.69 -11.48
N ARG A 244 13.88 12.24 -12.67
CA ARG A 244 13.18 12.60 -13.90
C ARG A 244 12.11 11.54 -14.16
N ILE A 245 10.84 11.96 -14.26
CA ILE A 245 9.77 10.97 -14.27
C ILE A 245 9.78 10.16 -15.56
N MET A 246 10.14 10.77 -16.69
CA MET A 246 10.30 10.00 -17.92
C MET A 246 11.35 8.89 -17.76
N CAS A 247 12.47 9.21 -17.10
CA CAS A 247 13.55 8.25 -16.94
CB CAS A 247 14.87 8.93 -16.53
C CAS A 247 13.14 7.22 -15.90
O CAS A 247 13.53 6.03 -16.02
SG CAS A 247 15.44 10.03 -17.80
AS CAS A 247 16.78 8.65 -18.99
CE1 CAS A 247 15.76 7.37 -20.15
CE2 CAS A 247 17.82 9.95 -20.06
N LEU A 248 12.38 7.61 -14.88
CA LEU A 248 11.90 6.63 -13.92
C LEU A 248 11.00 5.58 -14.62
N HIS A 249 10.02 6.06 -15.40
CA HIS A 249 9.19 5.14 -16.18
C HIS A 249 10.03 4.23 -17.06
N SER A 250 11.04 4.81 -17.74
CA SER A 250 11.85 4.01 -18.65
C SER A 250 12.62 2.93 -17.91
N LYS A 251 13.04 3.21 -16.68
CA LYS A 251 13.78 2.21 -15.93
C LYS A 251 12.84 1.11 -15.43
N ILE A 252 11.68 1.48 -14.92
CA ILE A 252 10.67 0.48 -14.53
C ILE A 252 10.38 -0.45 -15.69
N LYS A 253 10.17 0.12 -16.88
CA LYS A 253 9.80 -0.69 -18.04
C LYS A 253 10.98 -1.45 -18.64
N SER A 254 12.20 -0.91 -18.58
CA SER A 254 13.26 -1.48 -19.40
C SER A 254 14.58 -1.76 -18.70
N GLN A 255 14.77 -1.37 -17.44
CA GLN A 255 16.06 -1.60 -16.79
C GLN A 255 16.01 -2.93 -16.05
N ALA A 256 17.02 -3.77 -16.28
CA ALA A 256 17.08 -5.04 -15.56
C ALA A 256 17.25 -4.79 -14.06
N LEU A 257 16.52 -5.56 -13.25
CA LEU A 257 16.67 -5.51 -11.81
C LEU A 257 18.11 -5.83 -11.42
N GLU A 258 18.63 -5.08 -10.45
CA GLU A 258 20.01 -5.20 -10.00
C GLU A 258 20.05 -5.22 -8.48
N PHE A 259 20.73 -6.18 -7.92
CA PHE A 259 20.85 -6.19 -6.47
C PHE A 259 22.15 -5.54 -6.04
N PRO A 260 22.10 -4.62 -5.06
CA PRO A 260 23.34 -4.05 -4.53
C PRO A 260 24.20 -5.12 -3.89
N ASP A 261 25.52 -4.91 -3.95
CA ASP A 261 26.47 -5.84 -3.32
C ASP A 261 26.23 -5.94 -1.83
N GLN A 262 25.88 -4.82 -1.20
CA GLN A 262 25.62 -4.80 0.24
C GLN A 262 24.25 -4.17 0.48
N PRO A 263 23.48 -4.70 1.44
CA PRO A 263 23.80 -5.90 2.23
C PRO A 263 23.66 -7.18 1.41
N ASP A 264 24.35 -8.24 1.82
CA ASP A 264 24.35 -9.51 1.10
C ASP A 264 23.13 -10.32 1.54
N ILE A 265 22.12 -10.42 0.67
CA ILE A 265 20.89 -11.10 1.02
C ILE A 265 20.91 -12.53 0.48
N ALA A 266 20.12 -13.40 1.11
CA ALA A 266 20.09 -14.80 0.74
C ALA A 266 19.62 -14.97 -0.71
N GLU A 267 20.11 -16.03 -1.35
CA GLU A 267 19.80 -16.29 -2.74
C GLU A 267 18.31 -16.57 -2.96
N ASP A 268 17.65 -17.23 -2.01
CA ASP A 268 16.23 -17.48 -2.21
C ASP A 268 15.41 -16.18 -2.10
N LEU A 269 15.87 -15.22 -1.29
CA LEU A 269 15.19 -13.93 -1.28
C LEU A 269 15.37 -13.20 -2.60
N LYS A 270 16.58 -13.27 -3.16
CA LYS A 270 16.80 -12.70 -4.49
C LYS A 270 15.90 -13.35 -5.53
N ASP A 271 15.74 -14.67 -5.44
CA ASP A 271 14.82 -15.35 -6.37
C ASP A 271 13.40 -14.84 -6.21
N LEU A 272 12.94 -14.70 -4.98
CA LEU A 272 11.57 -14.24 -4.77
C LEU A 272 11.37 -12.80 -5.27
N ILE A 273 12.30 -11.91 -4.95
CA ILE A 273 12.15 -10.54 -5.44
C ILE A 273 12.15 -10.52 -6.97
N THR A 274 13.08 -11.26 -7.58
CA THR A 274 13.16 -11.35 -9.03
C THR A 274 11.84 -11.81 -9.64
N ARG A 275 11.17 -12.81 -9.03
CA ARG A 275 9.93 -13.28 -9.61
C ARG A 275 8.82 -12.25 -9.47
N MET A 276 8.83 -11.49 -8.36
CA MET A 276 7.77 -10.51 -8.18
C MET A 276 7.98 -9.30 -9.08
N LEU A 277 9.24 -9.00 -9.43
CA LEU A 277 9.58 -7.89 -10.31
C LEU A 277 9.83 -8.35 -11.74
N ASP A 278 9.21 -9.48 -12.13
CA ASP A 278 9.14 -9.90 -13.53
C ASP A 278 8.40 -8.83 -14.31
N LYS A 279 9.05 -8.24 -15.32
CA LYS A 279 8.41 -7.17 -16.07
C LYS A 279 7.19 -7.67 -16.85
N ASN A 280 7.12 -8.97 -17.14
CA ASN A 280 5.96 -9.51 -17.85
C ASN A 280 4.91 -9.95 -16.83
N PRO A 281 3.75 -9.30 -16.77
CA PRO A 281 2.75 -9.68 -15.76
C PRO A 281 2.20 -11.09 -15.95
N GLU A 282 2.35 -11.68 -17.14
CA GLU A 282 1.82 -13.01 -17.42
C GLU A 282 2.66 -14.10 -16.78
N SER A 283 3.96 -13.89 -16.65
CA SER A 283 4.82 -14.87 -15.99
C SER A 283 5.20 -14.46 -14.59
N ARG A 284 4.75 -13.28 -14.14
CA ARG A 284 5.05 -12.83 -12.79
C ARG A 284 4.45 -13.80 -11.77
N ILE A 285 5.19 -14.03 -10.68
CA ILE A 285 4.71 -14.95 -9.64
C ILE A 285 3.36 -14.47 -9.10
N VAL A 286 2.48 -15.42 -8.75
CA VAL A 286 1.17 -15.05 -8.23
C VAL A 286 1.17 -15.26 -6.71
N VAL A 287 0.18 -14.69 -6.04
CA VAL A 287 0.15 -14.74 -4.58
C VAL A 287 0.08 -16.17 -4.07
N PRO A 288 -0.72 -17.08 -4.65
CA PRO A 288 -0.66 -18.48 -4.17
C PRO A 288 0.75 -19.08 -4.23
N GLU A 289 1.58 -18.65 -5.17
CA GLU A 289 2.96 -19.13 -5.22
C GLU A 289 3.84 -18.40 -4.22
N ILE A 290 3.64 -17.08 -4.04
CA ILE A 290 4.42 -16.36 -3.03
C ILE A 290 4.27 -17.03 -1.67
N LYS A 291 3.04 -17.47 -1.34
CA LYS A 291 2.79 -18.08 -0.05
C LYS A 291 3.64 -19.32 0.16
N LEU A 292 4.00 -20.02 -0.92
CA LEU A 292 4.76 -21.27 -0.83
C LEU A 292 6.25 -21.06 -1.02
N HIS A 293 6.68 -19.85 -1.37
CA HIS A 293 8.08 -19.65 -1.74
C HIS A 293 8.98 -20.04 -0.59
N PRO A 294 10.09 -20.74 -0.87
CA PRO A 294 10.94 -21.23 0.24
C PRO A 294 11.47 -20.13 1.14
N TRP A 295 11.69 -18.92 0.62
CA TRP A 295 12.13 -17.85 1.52
C TRP A 295 11.03 -17.47 2.50
N VAL A 296 9.78 -17.46 2.02
CA VAL A 296 8.64 -17.10 2.86
C VAL A 296 8.42 -18.13 3.96
N THR A 297 8.60 -19.42 3.64
CA THR A 297 8.18 -20.47 4.57
C THR A 297 9.27 -20.93 5.53
N ARG A 298 10.50 -20.40 5.42
CA ARG A 298 11.56 -20.83 6.35
C ARG A 298 11.72 -19.86 7.52
C10 92C B . -3.66 5.94 8.97
C11 92C B . -2.69 6.16 10.08
C01 92C B . -3.30 5.44 11.21
C04 92C B . -4.73 5.12 9.43
C05 92C B . -5.77 4.73 8.58
C06 92C B . -5.78 5.17 7.24
C07 92C B . -4.74 5.96 6.82
C09 92C B . -3.69 6.34 7.66
C12 92C B . -1.57 6.89 10.15
C13 92C B . -0.42 6.92 11.09
C14 92C B . 0.86 7.49 10.84
C17 92C B . 1.46 6.45 14.24
C18 92C B . -0.34 6.47 12.41
N03 92C B . -4.50 4.81 10.80
N15 92C B . 1.68 7.38 11.93
N16 92C B . 0.94 6.76 12.89
O02 92C B . -2.90 5.33 12.36
CL8 92C B . -4.73 6.50 5.14
C1 GOL C . -14.19 -6.78 -15.35
O1 GOL C . -13.80 -7.85 -14.56
C2 GOL C . -14.14 -5.50 -14.48
O2 GOL C . -14.57 -5.75 -13.16
C3 GOL C . -12.67 -5.05 -14.59
O3 GOL C . -12.42 -4.08 -13.64
C1 GOL D . 2.20 -17.10 -13.27
O1 GOL D . 1.87 -17.83 -14.42
C2 GOL D . 2.95 -18.07 -12.28
O2 GOL D . 2.63 -19.45 -12.42
C3 GOL D . 4.46 -17.76 -12.45
O3 GOL D . 5.15 -18.21 -11.30
C1 GOL E . 8.54 -8.15 16.69
O1 GOL E . 8.04 -9.36 17.18
C2 GOL E . 9.06 -8.42 15.24
O2 GOL E . 9.86 -7.38 14.75
C3 GOL E . 9.83 -9.77 15.31
O3 GOL E . 10.56 -9.89 14.13
C1 GOL F . 15.89 -1.20 11.05
O1 GOL F . 16.11 -2.36 11.82
C2 GOL F . 14.36 -0.89 11.15
O2 GOL F . 13.84 -1.21 12.39
C3 GOL F . 14.21 0.62 10.79
O3 GOL F . 12.93 1.03 11.18
C1 PGE G . 15.78 16.81 -17.67
O1 PGE G . 14.60 16.00 -17.71
C2 PGE G . 16.15 17.15 -16.22
O2 PGE G . 17.44 16.64 -15.89
C3 PGE G . 17.82 16.96 -14.55
C4 PGE G . 19.06 16.18 -14.12
O4 PGE G . 19.63 12.03 -11.93
C6 PGE G . 19.39 12.76 -13.13
C5 PGE G . 19.81 14.22 -12.99
O3 PGE G . 18.69 15.06 -13.32
CL CL H . 7.07 4.20 1.17
#